data_5BZ2
#
_entry.id   5BZ2
#
_cell.length_a   77.710
_cell.length_b   84.640
_cell.length_c   201.780
_cell.angle_alpha   90.00
_cell.angle_beta   90.00
_cell.angle_gamma   90.00
#
_symmetry.space_group_name_H-M   'C 2 2 21'
#
_entity_poly.entity_id   1
_entity_poly.type   'polypeptide(L)'
_entity_poly.pdbx_seq_one_letter_code
;MHGAEHLLEIFYLLLAAQVMAFIFKRLNQPCVIGEVLAGVLVGPALLGLVHEGEILEFLAELGAVFLLFMVGLETRLKDI
LAVGKEAFLVAVLGVALPFLGGYLYGLEIGFETLPALFLGTALVATSVGCTARVLQELGVLSRPYSRIILGAAVIDDVLG
LIVLAVVNGVAETGQVEVGAITRLIVLSVVFVGLAVFLSTLIARLPLERLPVGSPLGFALALGVGMAALAASIGLAPIVG
AFLGGMLLSEVREKYRLEEPIFAIESFLAPIFFAMVGVRLELSALASPVVLVAGTVVTVIAILGKVLGGFLGALTQGVRS
ALTVGVGMAPRGEVGLIVAALGLKAGAVNEEEYAIVLFMVVFTTLFAPFALKPLIAWTERERAAKE
;
_entity_poly.pdbx_strand_id   A
#
# COMPACT_ATOMS: atom_id res chain seq x y z
N GLY A 3 -7.98 28.80 2.44
CA GLY A 3 -9.23 29.54 2.35
C GLY A 3 -10.19 28.97 1.32
N ALA A 4 -11.15 29.80 0.90
CA ALA A 4 -12.15 29.42 -0.10
C ALA A 4 -11.50 28.97 -1.42
N GLU A 5 -10.23 29.35 -1.61
CA GLU A 5 -9.42 28.86 -2.72
C GLU A 5 -9.38 27.34 -2.70
N HIS A 6 -9.08 26.80 -1.53
CA HIS A 6 -8.91 25.36 -1.33
C HIS A 6 -10.26 24.63 -1.15
N LEU A 7 -11.20 25.23 -0.43
CA LEU A 7 -12.55 24.66 -0.29
C LEU A 7 -13.12 24.32 -1.66
N LEU A 8 -13.02 25.27 -2.57
CA LEU A 8 -13.33 25.02 -3.98
C LEU A 8 -12.55 23.81 -4.48
N GLU A 9 -11.22 23.89 -4.41
CA GLU A 9 -10.35 22.82 -4.88
C GLU A 9 -10.74 21.45 -4.33
N ILE A 10 -11.03 21.39 -3.03
CA ILE A 10 -11.47 20.13 -2.43
C ILE A 10 -12.79 19.69 -3.06
N PHE A 11 -13.73 20.62 -3.22
CA PHE A 11 -15.01 20.30 -3.82
C PHE A 11 -14.87 19.68 -5.21
N TYR A 12 -13.92 20.16 -6.00
CA TYR A 12 -13.69 19.62 -7.34
C TYR A 12 -12.99 18.26 -7.27
N LEU A 13 -12.23 18.05 -6.21
CA LEU A 13 -11.54 16.78 -6.00
C LEU A 13 -12.53 15.67 -5.62
N LEU A 14 -13.35 15.95 -4.62
CA LEU A 14 -14.35 15.00 -4.15
C LEU A 14 -15.36 14.71 -5.26
N LEU A 15 -15.85 15.77 -5.90
CA LEU A 15 -16.85 15.62 -6.97
C LEU A 15 -16.31 14.77 -8.12
N ALA A 16 -15.10 15.09 -8.58
CA ALA A 16 -14.50 14.34 -9.68
C ALA A 16 -14.25 12.89 -9.29
N ALA A 17 -13.86 12.68 -8.04
CA ALA A 17 -13.59 11.34 -7.55
C ALA A 17 -14.87 10.51 -7.48
N GLN A 18 -15.96 11.14 -7.06
CA GLN A 18 -17.26 10.48 -7.01
C GLN A 18 -17.70 10.05 -8.41
N VAL A 19 -17.58 10.96 -9.37
CA VAL A 19 -17.96 10.68 -10.75
C VAL A 19 -17.08 9.59 -11.36
N MET A 20 -15.78 9.67 -11.11
CA MET A 20 -14.84 8.69 -11.66
C MET A 20 -15.04 7.34 -10.98
N ALA A 21 -15.53 7.36 -9.75
CA ALA A 21 -15.78 6.13 -8.99
C ALA A 21 -16.99 5.37 -9.52
N PHE A 22 -18.06 6.10 -9.81
CA PHE A 22 -19.27 5.52 -10.39
C PHE A 22 -18.96 4.88 -11.74
N ILE A 23 -18.07 5.50 -12.50
CA ILE A 23 -17.61 4.98 -13.79
C ILE A 23 -16.89 3.65 -13.64
N PHE A 24 -15.89 3.63 -12.77
CA PHE A 24 -15.03 2.46 -12.63
C PHE A 24 -15.72 1.30 -11.91
N LYS A 25 -16.65 1.59 -10.99
CA LYS A 25 -17.39 0.51 -10.35
C LYS A 25 -18.31 -0.13 -11.39
N ARG A 26 -18.73 0.67 -12.36
CA ARG A 26 -19.58 0.19 -13.46
C ARG A 26 -18.75 -0.56 -14.50
N LEU A 27 -17.44 -0.32 -14.48
CA LEU A 27 -16.50 -1.04 -15.34
C LEU A 27 -16.00 -2.31 -14.65
N ASN A 28 -16.37 -2.49 -13.38
CA ASN A 28 -15.94 -3.65 -12.59
C ASN A 28 -14.43 -3.65 -12.38
N GLN A 29 -13.86 -2.46 -12.17
CA GLN A 29 -12.44 -2.28 -11.82
C GLN A 29 -12.36 -1.57 -10.46
N PRO A 30 -12.39 -2.35 -9.36
CA PRO A 30 -12.82 -1.86 -8.04
C PRO A 30 -12.12 -0.62 -7.46
N CYS A 31 -10.79 -0.57 -7.46
CA CYS A 31 -10.07 0.28 -6.51
C CYS A 31 -8.78 0.96 -7.00
N VAL A 32 -8.60 2.21 -6.58
CA VAL A 32 -7.35 2.95 -6.78
C VAL A 32 -6.96 3.06 -8.26
N ILE A 33 -7.93 3.43 -9.10
CA ILE A 33 -7.67 3.70 -10.50
C ILE A 33 -8.30 5.05 -10.85
N GLY A 34 -9.63 5.11 -10.76
CA GLY A 34 -10.36 6.33 -11.05
C GLY A 34 -10.11 7.41 -10.03
N GLU A 35 -9.65 7.03 -8.84
CA GLU A 35 -9.42 8.02 -7.80
C GLU A 35 -8.09 8.76 -8.05
N VAL A 36 -7.28 8.23 -8.95
CA VAL A 36 -6.08 8.91 -9.40
C VAL A 36 -6.39 9.73 -10.65
N LEU A 37 -6.79 9.05 -11.72
CA LEU A 37 -7.14 9.69 -12.98
C LEU A 37 -8.15 10.82 -12.78
N ALA A 38 -8.94 10.75 -11.71
CA ALA A 38 -9.80 11.86 -11.37
C ALA A 38 -8.92 13.03 -11.00
N GLY A 39 -7.84 12.75 -10.29
CA GLY A 39 -6.87 13.77 -9.92
C GLY A 39 -6.13 14.34 -11.13
N VAL A 40 -5.81 13.46 -12.07
CA VAL A 40 -5.23 13.90 -13.34
C VAL A 40 -6.25 14.79 -14.02
N LEU A 41 -7.50 14.33 -14.08
CA LEU A 41 -8.57 15.05 -14.75
C LEU A 41 -8.76 16.45 -14.19
N VAL A 42 -9.02 16.54 -12.90
CA VAL A 42 -9.25 17.83 -12.29
C VAL A 42 -7.93 18.57 -12.13
N GLY A 43 -6.82 17.85 -12.27
CA GLY A 43 -5.51 18.46 -12.09
C GLY A 43 -5.07 19.37 -13.21
N PRO A 44 -3.87 19.98 -13.07
CA PRO A 44 -3.30 20.88 -14.07
C PRO A 44 -3.25 20.26 -15.46
N ALA A 45 -2.81 19.00 -15.54
CA ALA A 45 -2.55 18.38 -16.84
C ALA A 45 -3.71 18.48 -17.82
N LEU A 46 -4.94 18.49 -17.31
CA LEU A 46 -6.12 18.48 -18.17
C LEU A 46 -7.08 19.65 -17.90
N LEU A 47 -7.65 19.73 -16.70
CA LEU A 47 -8.58 20.80 -16.37
C LEU A 47 -7.88 21.95 -15.67
N GLY A 48 -7.30 21.68 -14.51
CA GLY A 48 -6.56 22.68 -13.78
C GLY A 48 -7.39 23.42 -12.76
N LEU A 49 -8.49 22.82 -12.34
CA LEU A 49 -9.32 23.38 -11.27
C LEU A 49 -8.62 23.27 -9.92
N VAL A 50 -7.78 22.24 -9.81
CA VAL A 50 -6.97 22.04 -8.60
C VAL A 50 -5.49 22.09 -8.93
N HIS A 51 -4.74 22.74 -8.06
CA HIS A 51 -3.30 22.84 -8.15
C HIS A 51 -2.73 22.40 -6.82
N GLU A 52 -1.44 22.06 -6.77
CA GLU A 52 -0.91 21.49 -5.55
C GLU A 52 -0.41 22.59 -4.60
N GLY A 53 -1.17 22.78 -3.53
CA GLY A 53 -0.82 23.70 -2.47
C GLY A 53 -0.26 22.94 -1.29
N GLU A 54 0.23 23.64 -0.28
CA GLU A 54 0.79 22.96 0.89
C GLU A 54 -0.34 22.32 1.69
N ILE A 55 -1.49 22.97 1.72
CA ILE A 55 -2.64 22.45 2.47
C ILE A 55 -3.10 21.14 1.83
N LEU A 56 -3.34 21.15 0.53
CA LEU A 56 -3.82 19.95 -0.15
C LEU A 56 -2.74 18.88 -0.25
N GLU A 57 -1.52 19.20 0.13
CA GLU A 57 -0.47 18.19 0.26
C GLU A 57 -0.56 17.50 1.62
N PHE A 58 -1.07 18.21 2.62
CA PHE A 58 -1.20 17.65 3.96
C PHE A 58 -2.44 16.77 4.07
N LEU A 59 -3.54 17.23 3.49
CA LEU A 59 -4.75 16.45 3.44
C LEU A 59 -4.51 15.17 2.63
N ALA A 60 -3.41 15.15 1.88
CA ALA A 60 -2.98 13.94 1.19
C ALA A 60 -2.18 13.04 2.12
N GLU A 61 -1.51 13.63 3.10
CA GLU A 61 -0.80 12.85 4.11
C GLU A 61 -1.79 12.15 5.04
N LEU A 62 -2.69 12.92 5.65
CA LEU A 62 -3.72 12.36 6.50
C LEU A 62 -4.49 11.28 5.75
N GLY A 63 -4.65 11.48 4.46
CA GLY A 63 -5.29 10.47 3.64
C GLY A 63 -4.54 9.17 3.72
N ALA A 64 -3.23 9.22 3.46
CA ALA A 64 -2.41 8.02 3.48
C ALA A 64 -2.27 7.48 4.89
N VAL A 65 -2.26 8.38 5.88
CA VAL A 65 -2.19 7.97 7.28
C VAL A 65 -3.44 7.19 7.66
N PHE A 66 -4.60 7.81 7.51
CA PHE A 66 -5.86 7.17 7.86
C PHE A 66 -6.10 5.94 7.00
N LEU A 67 -5.57 5.94 5.80
CA LEU A 67 -5.72 4.80 4.90
C LEU A 67 -5.03 3.56 5.42
N LEU A 68 -3.83 3.71 5.95
CA LEU A 68 -3.08 2.59 6.54
C LEU A 68 -3.47 2.35 7.99
N PHE A 69 -4.11 3.34 8.61
CA PHE A 69 -4.65 3.17 9.95
C PHE A 69 -5.87 2.26 9.89
N MET A 70 -6.63 2.37 8.80
CA MET A 70 -7.77 1.50 8.56
C MET A 70 -7.32 0.06 8.38
N VAL A 71 -6.23 -0.14 7.65
CA VAL A 71 -5.70 -1.47 7.41
C VAL A 71 -5.18 -2.09 8.69
N GLY A 72 -4.51 -1.28 9.50
CA GLY A 72 -3.93 -1.76 10.74
C GLY A 72 -5.00 -2.10 11.75
N LEU A 73 -6.17 -1.49 11.58
CA LEU A 73 -7.29 -1.71 12.47
C LEU A 73 -8.02 -3.01 12.14
N GLU A 74 -7.95 -3.43 10.87
CA GLU A 74 -8.66 -4.61 10.42
C GLU A 74 -7.79 -5.88 10.45
N THR A 75 -6.59 -5.78 10.99
CA THR A 75 -5.68 -6.92 11.03
C THR A 75 -5.81 -7.67 12.35
N ARG A 76 -6.26 -8.91 12.28
CA ARG A 76 -6.34 -9.77 13.45
C ARG A 76 -5.08 -10.61 13.54
N LEU A 77 -4.48 -10.62 14.72
CA LEU A 77 -3.27 -11.41 14.96
C LEU A 77 -3.59 -12.78 15.54
N LYS A 78 -4.87 -13.14 15.61
CA LYS A 78 -5.22 -14.52 15.84
C LYS A 78 -5.25 -15.18 14.47
N ASP A 79 -6.10 -14.68 13.58
CA ASP A 79 -6.29 -15.25 12.24
C ASP A 79 -4.99 -15.43 11.44
N ILE A 80 -4.03 -14.53 11.64
CA ILE A 80 -2.79 -14.57 10.86
C ILE A 80 -1.83 -15.65 11.35
N LEU A 81 -1.73 -15.82 12.66
CA LEU A 81 -0.74 -16.74 13.22
C LEU A 81 -0.97 -18.19 12.79
N ALA A 82 -2.23 -18.53 12.47
CA ALA A 82 -2.56 -19.89 12.05
C ALA A 82 -2.02 -20.19 10.65
N VAL A 83 -1.45 -19.16 10.02
CA VAL A 83 -1.02 -19.20 8.62
C VAL A 83 0.44 -18.80 8.50
N GLY A 84 0.77 -17.64 9.05
CA GLY A 84 1.87 -16.82 8.60
C GLY A 84 3.21 -17.48 8.37
N LYS A 85 3.46 -18.63 8.98
CA LYS A 85 4.67 -19.40 8.70
C LYS A 85 4.85 -19.60 7.20
N GLU A 86 3.76 -19.92 6.50
CA GLU A 86 3.81 -20.07 5.05
C GLU A 86 3.72 -18.72 4.35
N ALA A 87 3.18 -17.71 5.05
CA ALA A 87 3.10 -16.38 4.48
C ALA A 87 4.46 -15.69 4.55
N PHE A 88 5.21 -15.95 5.61
CA PHE A 88 6.51 -15.33 5.80
C PHE A 88 7.53 -15.89 4.81
N LEU A 89 7.18 -17.00 4.17
CA LEU A 89 7.99 -17.54 3.08
C LEU A 89 7.70 -16.79 1.78
N VAL A 90 6.46 -16.37 1.63
CA VAL A 90 6.05 -15.59 0.46
C VAL A 90 6.46 -14.14 0.64
N ALA A 91 6.34 -13.64 1.86
CA ALA A 91 6.68 -12.24 2.14
C ALA A 91 8.15 -11.95 1.86
N VAL A 92 9.02 -12.86 2.24
CA VAL A 92 10.46 -12.66 2.01
C VAL A 92 10.77 -12.74 0.52
N LEU A 93 10.09 -13.63 -0.19
CA LEU A 93 10.23 -13.72 -1.64
C LEU A 93 9.57 -12.53 -2.30
N GLY A 94 8.49 -12.04 -1.69
CA GLY A 94 7.78 -10.90 -2.21
C GLY A 94 8.62 -9.63 -2.18
N VAL A 95 9.49 -9.52 -1.17
CA VAL A 95 10.40 -8.39 -1.05
C VAL A 95 11.63 -8.57 -1.93
N ALA A 96 12.16 -9.79 -1.96
CA ALA A 96 13.44 -10.07 -2.60
C ALA A 96 13.39 -9.96 -4.12
N LEU A 97 12.45 -10.66 -4.75
CA LEU A 97 12.44 -10.81 -6.20
C LEU A 97 12.19 -9.50 -6.98
N PRO A 98 11.11 -8.77 -6.67
CA PRO A 98 10.81 -7.55 -7.44
C PRO A 98 11.78 -6.39 -7.18
N PHE A 99 12.39 -6.33 -6.00
CA PHE A 99 13.32 -5.25 -5.67
C PHE A 99 14.55 -5.28 -6.58
N LEU A 100 15.06 -6.49 -6.82
CA LEU A 100 16.15 -6.67 -7.75
C LEU A 100 15.70 -6.33 -9.18
N GLY A 101 14.47 -6.71 -9.50
CA GLY A 101 13.89 -6.43 -10.81
C GLY A 101 13.84 -4.94 -11.09
N GLY A 102 13.64 -4.16 -10.04
CA GLY A 102 13.61 -2.71 -10.17
C GLY A 102 15.00 -2.11 -10.28
N TYR A 103 15.88 -2.53 -9.40
CA TYR A 103 17.22 -1.94 -9.30
C TYR A 103 18.11 -2.34 -10.48
N LEU A 104 18.16 -3.65 -10.77
CA LEU A 104 18.96 -4.16 -11.88
C LEU A 104 18.48 -3.62 -13.22
N TYR A 105 17.19 -3.73 -13.47
CA TYR A 105 16.60 -3.21 -14.70
C TYR A 105 16.70 -1.69 -14.75
N GLY A 106 16.65 -1.06 -13.57
CA GLY A 106 16.69 0.38 -13.47
C GLY A 106 17.98 1.00 -13.98
N LEU A 107 19.11 0.43 -13.58
CA LEU A 107 20.42 0.91 -14.02
C LEU A 107 20.57 0.85 -15.55
N GLU A 108 19.83 -0.06 -16.18
CA GLU A 108 19.90 -0.26 -17.62
C GLU A 108 19.12 0.81 -18.37
N ILE A 109 18.19 1.47 -17.67
CA ILE A 109 17.44 2.56 -18.25
C ILE A 109 18.18 3.88 -17.98
N GLY A 110 19.37 3.77 -17.40
CA GLY A 110 20.22 4.93 -17.17
C GLY A 110 20.03 5.67 -15.86
N PHE A 111 19.64 4.95 -14.81
CA PHE A 111 19.45 5.57 -13.49
C PHE A 111 20.79 5.69 -12.73
N GLU A 112 20.75 6.36 -11.57
CA GLU A 112 21.89 6.45 -10.67
C GLU A 112 21.74 5.42 -9.54
N THR A 113 22.61 5.51 -8.55
CA THR A 113 22.53 4.63 -7.39
C THR A 113 21.20 4.79 -6.65
N LEU A 114 20.91 6.02 -6.22
CA LEU A 114 19.71 6.27 -5.39
C LEU A 114 18.39 6.11 -6.15
N PRO A 115 18.25 6.74 -7.33
CA PRO A 115 16.97 6.66 -8.04
C PRO A 115 16.57 5.24 -8.41
N ALA A 116 17.56 4.36 -8.54
CA ALA A 116 17.32 2.97 -8.91
C ALA A 116 16.72 2.20 -7.75
N LEU A 117 17.13 2.55 -6.54
CA LEU A 117 16.64 1.89 -5.33
C LEU A 117 15.16 2.22 -5.10
N PHE A 118 14.73 3.41 -5.50
CA PHE A 118 13.35 3.84 -5.32
C PHE A 118 12.38 3.06 -6.20
N LEU A 119 12.79 2.77 -7.44
CA LEU A 119 11.97 1.99 -8.34
C LEU A 119 11.77 0.57 -7.81
N GLY A 120 12.82 0.03 -7.22
CA GLY A 120 12.76 -1.28 -6.60
C GLY A 120 11.77 -1.26 -5.45
N THR A 121 11.94 -0.30 -4.55
CA THR A 121 11.06 -0.16 -3.39
C THR A 121 9.61 0.08 -3.82
N ALA A 122 9.43 0.69 -4.99
CA ALA A 122 8.08 0.91 -5.53
C ALA A 122 7.48 -0.42 -5.98
N LEU A 123 8.36 -1.34 -6.39
CA LEU A 123 7.92 -2.67 -6.81
C LEU A 123 7.82 -3.65 -5.63
N VAL A 124 8.39 -3.27 -4.49
CA VAL A 124 8.38 -4.12 -3.30
C VAL A 124 6.97 -4.27 -2.75
N ALA A 125 6.23 -3.15 -2.76
CA ALA A 125 4.94 -3.08 -2.07
C ALA A 125 3.86 -3.95 -2.71
N THR A 126 2.83 -4.24 -1.92
CA THR A 126 1.64 -4.95 -2.40
C THR A 126 0.38 -4.27 -1.87
N SER A 127 -0.66 -4.23 -2.70
CA SER A 127 -1.94 -3.67 -2.26
C SER A 127 -2.66 -4.71 -1.43
N VAL A 128 -2.84 -4.42 -0.15
CA VAL A 128 -3.61 -5.29 0.72
C VAL A 128 -5.10 -4.97 0.62
N GLY A 129 -5.39 -3.74 0.18
CA GLY A 129 -6.77 -3.28 0.12
C GLY A 129 -7.52 -3.84 -1.07
N CYS A 130 -6.89 -3.78 -2.24
CA CYS A 130 -7.53 -4.23 -3.48
C CYS A 130 -7.72 -5.74 -3.52
N THR A 131 -6.69 -6.47 -3.09
CA THR A 131 -6.74 -7.93 -3.11
C THR A 131 -7.84 -8.47 -2.20
N ALA A 132 -8.08 -7.78 -1.09
CA ALA A 132 -9.14 -8.15 -0.16
C ALA A 132 -10.51 -7.89 -0.79
N ARG A 133 -10.62 -6.78 -1.50
CA ARG A 133 -11.88 -6.40 -2.16
C ARG A 133 -12.32 -7.50 -3.15
N VAL A 134 -11.37 -7.99 -3.93
CA VAL A 134 -11.64 -9.00 -4.96
C VAL A 134 -12.20 -10.27 -4.33
N LEU A 135 -11.64 -10.65 -3.18
CA LEU A 135 -12.02 -11.89 -2.52
C LEU A 135 -13.33 -11.76 -1.75
N GLN A 136 -13.70 -10.52 -1.44
CA GLN A 136 -14.92 -10.26 -0.68
C GLN A 136 -16.18 -10.58 -1.48
N GLU A 137 -16.23 -10.10 -2.73
CA GLU A 137 -17.38 -10.34 -3.60
C GLU A 137 -17.53 -11.83 -3.89
N LEU A 138 -16.43 -12.49 -4.22
CA LEU A 138 -16.41 -13.94 -4.39
C LEU A 138 -16.78 -14.61 -3.09
N GLY A 139 -16.56 -13.91 -1.98
CA GLY A 139 -16.84 -14.44 -0.65
C GLY A 139 -15.95 -15.62 -0.33
N VAL A 140 -14.89 -15.77 -1.10
CA VAL A 140 -13.98 -16.91 -0.99
C VAL A 140 -12.93 -16.70 0.10
N LEU A 141 -12.87 -15.47 0.62
CA LEU A 141 -11.79 -15.07 1.52
C LEU A 141 -11.61 -15.99 2.72
N SER A 142 -12.68 -16.66 3.11
CA SER A 142 -12.59 -17.56 4.25
C SER A 142 -11.69 -18.74 3.91
N ARG A 143 -11.51 -19.02 2.62
CA ARG A 143 -10.66 -20.12 2.19
C ARG A 143 -9.21 -19.79 2.56
N PRO A 144 -8.37 -20.82 2.73
CA PRO A 144 -6.99 -20.62 3.21
C PRO A 144 -6.05 -19.94 2.20
N TYR A 145 -6.19 -20.25 0.93
CA TYR A 145 -5.30 -19.69 -0.09
C TYR A 145 -5.45 -18.17 -0.18
N SER A 146 -6.59 -17.66 0.28
CA SER A 146 -6.79 -16.22 0.38
C SER A 146 -6.13 -15.65 1.64
N ARG A 147 -6.07 -16.45 2.69
CA ARG A 147 -5.47 -16.01 3.95
C ARG A 147 -3.97 -15.80 3.80
N ILE A 148 -3.34 -16.63 2.98
CA ILE A 148 -1.90 -16.54 2.77
C ILE A 148 -1.55 -15.23 2.06
N ILE A 149 -2.29 -14.94 1.00
CA ILE A 149 -2.08 -13.75 0.19
C ILE A 149 -2.20 -12.50 1.05
N LEU A 150 -3.27 -12.42 1.83
CA LEU A 150 -3.49 -11.26 2.69
C LEU A 150 -2.49 -11.25 3.83
N GLY A 151 -2.20 -12.43 4.40
CA GLY A 151 -1.25 -12.53 5.48
C GLY A 151 0.13 -12.08 5.07
N ALA A 152 0.52 -12.47 3.85
CA ALA A 152 1.82 -12.04 3.31
C ALA A 152 1.78 -10.56 2.97
N ALA A 153 0.65 -10.11 2.43
CA ALA A 153 0.51 -8.71 2.03
C ALA A 153 0.68 -7.78 3.21
N VAL A 154 0.22 -8.19 4.38
CA VAL A 154 0.38 -7.39 5.59
C VAL A 154 1.85 -7.26 5.95
N ILE A 155 2.54 -8.40 6.06
CA ILE A 155 3.95 -8.41 6.40
C ILE A 155 4.77 -7.66 5.35
N ASP A 156 4.48 -7.93 4.08
CA ASP A 156 5.20 -7.32 2.97
C ASP A 156 5.17 -5.80 3.03
N ASP A 157 4.01 -5.23 3.35
CA ASP A 157 3.89 -3.78 3.45
C ASP A 157 4.72 -3.19 4.58
N VAL A 158 4.90 -3.95 5.66
CA VAL A 158 5.75 -3.51 6.76
C VAL A 158 7.21 -3.53 6.35
N LEU A 159 7.58 -4.55 5.57
CA LEU A 159 8.93 -4.65 5.03
C LEU A 159 9.17 -3.58 3.96
N GLY A 160 8.13 -3.23 3.23
CA GLY A 160 8.20 -2.18 2.23
C GLY A 160 8.48 -0.83 2.86
N LEU A 161 8.07 -0.68 4.11
CA LEU A 161 8.34 0.53 4.87
C LEU A 161 9.82 0.64 5.21
N ILE A 162 10.35 -0.41 5.82
CA ILE A 162 11.72 -0.41 6.33
C ILE A 162 12.69 -0.20 5.18
N VAL A 163 12.43 -0.83 4.04
CA VAL A 163 13.24 -0.62 2.85
C VAL A 163 13.15 0.86 2.51
N LEU A 164 11.92 1.34 2.35
CA LEU A 164 11.71 2.72 1.93
C LEU A 164 12.35 3.70 2.92
N ALA A 165 12.32 3.34 4.20
CA ALA A 165 12.91 4.19 5.24
C ALA A 165 14.43 4.25 5.08
N VAL A 166 15.04 3.12 4.76
CA VAL A 166 16.48 3.05 4.52
C VAL A 166 16.84 3.82 3.27
N VAL A 167 16.08 3.61 2.20
CA VAL A 167 16.34 4.28 0.93
C VAL A 167 16.24 5.79 1.11
N ASN A 168 15.30 6.23 1.93
CA ASN A 168 15.15 7.65 2.18
C ASN A 168 16.28 8.18 3.05
N GLY A 169 16.75 7.35 3.98
CA GLY A 169 17.89 7.70 4.81
C GLY A 169 19.13 7.93 3.99
N VAL A 170 19.25 7.18 2.90
CA VAL A 170 20.32 7.36 1.93
C VAL A 170 19.99 8.52 0.99
N ALA A 171 18.69 8.81 0.84
CA ALA A 171 18.26 9.90 -0.03
C ALA A 171 18.58 11.25 0.60
N GLU A 172 18.18 11.42 1.86
CA GLU A 172 18.41 12.65 2.60
C GLU A 172 19.91 12.97 2.63
N THR A 173 20.68 12.02 3.14
CA THR A 173 22.14 12.15 3.18
C THR A 173 22.77 11.12 2.25
N GLY A 174 23.54 11.59 1.27
CA GLY A 174 24.13 10.71 0.29
C GLY A 174 25.27 9.92 0.89
N GLN A 175 25.56 8.77 0.29
CA GLN A 175 26.71 7.95 0.64
C GLN A 175 26.69 7.51 2.11
N VAL A 176 25.50 7.46 2.71
CA VAL A 176 25.37 7.13 4.13
C VAL A 176 26.00 5.77 4.44
N GLU A 177 26.78 5.74 5.51
CA GLU A 177 27.42 4.51 5.96
C GLU A 177 26.37 3.52 6.45
N VAL A 178 26.74 2.24 6.44
CA VAL A 178 25.84 1.16 6.83
C VAL A 178 25.32 1.36 8.25
N GLY A 179 26.06 2.14 9.04
CA GLY A 179 25.67 2.38 10.43
C GLY A 179 24.28 2.96 10.58
N ALA A 180 24.02 4.10 9.94
CA ALA A 180 22.71 4.75 10.04
C ALA A 180 21.61 3.85 9.48
N ILE A 181 21.97 3.05 8.48
CA ILE A 181 21.03 2.10 7.90
C ILE A 181 20.67 1.02 8.92
N THR A 182 21.70 0.39 9.48
CA THR A 182 21.48 -0.71 10.43
C THR A 182 20.69 -0.27 11.65
N ARG A 183 20.83 1.00 12.02
CA ARG A 183 20.08 1.54 13.15
C ARG A 183 18.59 1.61 12.87
N LEU A 184 18.22 1.95 11.64
CA LEU A 184 16.81 1.98 11.25
C LEU A 184 16.21 0.57 11.29
N ILE A 185 16.98 -0.41 10.86
CA ILE A 185 16.50 -1.79 10.85
C ILE A 185 16.22 -2.27 12.28
N VAL A 186 17.10 -1.91 13.20
CA VAL A 186 16.90 -2.26 14.61
C VAL A 186 15.72 -1.48 15.20
N LEU A 187 15.68 -0.19 14.92
CA LEU A 187 14.57 0.66 15.38
C LEU A 187 13.22 0.17 14.86
N SER A 188 13.20 -0.27 13.61
CA SER A 188 11.98 -0.75 12.99
C SER A 188 11.51 -2.06 13.61
N VAL A 189 12.38 -3.06 13.62
CA VAL A 189 12.03 -4.40 14.10
C VAL A 189 11.54 -4.39 15.54
N VAL A 190 12.26 -3.71 16.42
CA VAL A 190 11.90 -3.65 17.83
C VAL A 190 10.56 -2.94 18.05
N PHE A 191 10.40 -1.79 17.40
CA PHE A 191 9.19 -0.99 17.55
C PHE A 191 7.97 -1.77 17.09
N VAL A 192 8.10 -2.46 15.96
CA VAL A 192 7.02 -3.30 15.44
C VAL A 192 6.76 -4.45 16.40
N GLY A 193 7.82 -5.14 16.82
CA GLY A 193 7.70 -6.24 17.75
C GLY A 193 7.09 -5.80 19.07
N LEU A 194 7.40 -4.57 19.48
CA LEU A 194 6.84 -4.01 20.71
C LEU A 194 5.37 -3.72 20.52
N ALA A 195 5.03 -3.20 19.34
CA ALA A 195 3.64 -2.96 19.00
C ALA A 195 2.88 -4.27 18.97
N VAL A 196 3.43 -5.25 18.27
CA VAL A 196 2.82 -6.58 18.20
C VAL A 196 2.69 -7.14 19.61
N PHE A 197 3.75 -7.00 20.41
CA PHE A 197 3.73 -7.47 21.79
C PHE A 197 2.66 -6.74 22.58
N LEU A 198 2.66 -5.41 22.51
CA LEU A 198 1.66 -4.61 23.20
C LEU A 198 0.26 -4.93 22.70
N SER A 199 0.10 -5.06 21.38
CA SER A 199 -1.22 -5.28 20.79
C SER A 199 -1.90 -6.54 21.33
N THR A 200 -1.10 -7.55 21.66
CA THR A 200 -1.61 -8.79 22.22
C THR A 200 -2.08 -8.58 23.67
N LEU A 201 -1.50 -7.57 24.32
CA LEU A 201 -1.80 -7.26 25.71
C LEU A 201 -2.92 -6.22 25.85
N ILE A 202 -3.50 -5.80 24.72
CA ILE A 202 -4.49 -4.72 24.72
C ILE A 202 -5.85 -5.21 25.18
N ALA A 203 -6.25 -6.38 24.72
CA ALA A 203 -7.59 -6.90 24.98
C ALA A 203 -7.84 -7.05 26.47
N ARG A 204 -6.79 -7.37 27.22
CA ARG A 204 -6.90 -7.53 28.67
C ARG A 204 -7.01 -6.17 29.38
N LEU A 205 -6.76 -5.09 28.64
CA LEU A 205 -6.74 -3.74 29.21
C LEU A 205 -7.74 -2.80 28.50
N PRO A 206 -8.98 -2.71 29.01
CA PRO A 206 -9.92 -1.72 28.47
C PRO A 206 -9.55 -0.29 28.82
N LEU A 207 -9.91 0.66 27.96
CA LEU A 207 -9.49 2.05 28.12
C LEU A 207 -10.23 2.76 29.26
N GLU A 208 -11.16 2.06 29.90
CA GLU A 208 -12.06 2.68 30.87
C GLU A 208 -11.37 3.51 31.97
N ARG A 209 -10.16 3.12 32.37
CA ARG A 209 -9.43 3.86 33.40
C ARG A 209 -8.75 5.11 32.84
N LEU A 210 -8.43 5.10 31.54
CA LEU A 210 -7.80 6.26 30.89
C LEU A 210 -8.69 7.49 31.00
N PRO A 211 -8.11 8.66 31.35
CA PRO A 211 -8.93 9.87 31.38
C PRO A 211 -9.37 10.30 29.98
N VAL A 212 -10.17 9.44 29.34
CA VAL A 212 -10.60 9.63 27.96
C VAL A 212 -12.10 9.96 27.92
N GLY A 213 -12.50 10.79 26.96
CA GLY A 213 -13.88 11.20 26.84
C GLY A 213 -14.75 10.21 26.07
N SER A 214 -14.11 9.40 25.23
CA SER A 214 -14.83 8.43 24.39
C SER A 214 -13.84 7.56 23.61
N PRO A 215 -14.20 6.28 23.39
CA PRO A 215 -13.30 5.30 22.76
C PRO A 215 -12.89 5.65 21.33
N LEU A 216 -13.69 6.45 20.64
CA LEU A 216 -13.32 6.89 19.31
C LEU A 216 -12.17 7.89 19.41
N GLY A 217 -12.36 8.91 20.24
CA GLY A 217 -11.36 9.95 20.41
C GLY A 217 -9.98 9.42 20.75
N PHE A 218 -9.94 8.40 21.60
CA PHE A 218 -8.68 7.79 22.02
C PHE A 218 -8.01 7.04 20.89
N ALA A 219 -8.81 6.45 20.01
CA ALA A 219 -8.26 5.73 18.87
C ALA A 219 -7.56 6.70 17.93
N LEU A 220 -8.23 7.80 17.63
CA LEU A 220 -7.65 8.88 16.82
C LEU A 220 -6.39 9.44 17.46
N ALA A 221 -6.54 10.02 18.65
CA ALA A 221 -5.41 10.59 19.37
C ALA A 221 -4.23 9.61 19.44
N LEU A 222 -4.53 8.32 19.57
CA LEU A 222 -3.47 7.31 19.61
C LEU A 222 -2.89 7.10 18.21
N GLY A 223 -3.75 7.15 17.21
CA GLY A 223 -3.31 6.92 15.84
C GLY A 223 -2.37 7.99 15.34
N VAL A 224 -2.73 9.25 15.57
CA VAL A 224 -1.90 10.38 15.19
C VAL A 224 -0.61 10.40 16.01
N GLY A 225 -0.73 10.09 17.30
CA GLY A 225 0.42 10.04 18.18
C GLY A 225 1.43 8.96 17.80
N MET A 226 0.93 7.78 17.44
CA MET A 226 1.77 6.67 17.03
C MET A 226 2.49 7.00 15.72
N ALA A 227 1.88 7.85 14.90
CA ALA A 227 2.47 8.30 13.65
C ALA A 227 3.50 9.40 13.88
N ALA A 228 3.16 10.34 14.75
CA ALA A 228 4.06 11.44 15.07
C ALA A 228 5.32 10.95 15.76
N LEU A 229 5.17 9.96 16.63
CA LEU A 229 6.31 9.37 17.31
C LEU A 229 7.18 8.62 16.32
N ALA A 230 6.57 8.07 15.28
CA ALA A 230 7.33 7.34 14.27
C ALA A 230 8.20 8.29 13.46
N ALA A 231 7.70 9.52 13.29
CA ALA A 231 8.40 10.54 12.53
C ALA A 231 9.61 11.06 13.30
N SER A 232 9.45 11.22 14.61
CA SER A 232 10.54 11.69 15.46
C SER A 232 11.68 10.65 15.52
N ILE A 233 11.36 9.39 15.22
CA ILE A 233 12.36 8.33 15.15
C ILE A 233 13.00 8.29 13.76
N GLY A 234 12.39 9.00 12.81
CA GLY A 234 12.90 9.06 11.45
C GLY A 234 12.37 7.94 10.59
N LEU A 235 11.18 7.48 10.94
CA LEU A 235 10.46 6.52 10.11
C LEU A 235 9.22 7.18 9.51
N ALA A 236 8.83 6.72 8.33
CA ALA A 236 7.71 7.31 7.59
C ALA A 236 6.46 7.35 8.48
N PRO A 237 5.86 8.54 8.64
CA PRO A 237 4.69 8.63 9.53
C PRO A 237 3.49 7.86 8.98
N ILE A 238 3.43 7.71 7.67
CA ILE A 238 2.33 7.04 7.01
C ILE A 238 2.20 5.63 7.55
N VAL A 239 3.33 4.96 7.70
CA VAL A 239 3.36 3.56 8.15
C VAL A 239 3.59 3.44 9.65
N GLY A 240 3.70 4.58 10.33
CA GLY A 240 3.78 4.60 11.79
C GLY A 240 2.39 4.53 12.42
N ALA A 241 1.38 4.90 11.64
CA ALA A 241 -0.02 4.82 12.09
C ALA A 241 -0.60 3.42 11.94
N PHE A 242 -0.12 2.68 10.95
CA PHE A 242 -0.53 1.30 10.73
C PHE A 242 -0.33 0.43 11.97
N LEU A 243 0.76 0.66 12.69
CA LEU A 243 1.04 -0.07 13.92
C LEU A 243 0.23 0.45 15.10
N GLY A 244 -0.21 1.69 15.00
CA GLY A 244 -1.08 2.28 16.00
C GLY A 244 -2.49 1.72 15.90
N GLY A 245 -2.80 1.14 14.74
CA GLY A 245 -4.07 0.48 14.52
C GLY A 245 -4.03 -1.00 14.84
N MET A 246 -2.83 -1.59 14.78
CA MET A 246 -2.64 -2.98 15.19
C MET A 246 -2.97 -3.10 16.67
N LEU A 247 -2.61 -2.07 17.42
CA LEU A 247 -2.90 -2.02 18.85
C LEU A 247 -4.40 -2.15 19.09
N LEU A 248 -5.19 -1.47 18.27
CA LEU A 248 -6.63 -1.41 18.45
C LEU A 248 -7.40 -2.46 17.64
N SER A 249 -6.68 -3.32 16.93
CA SER A 249 -7.33 -4.28 16.02
C SER A 249 -8.07 -5.38 16.76
N GLU A 250 -7.65 -5.66 17.99
CA GLU A 250 -8.27 -6.70 18.80
C GLU A 250 -9.55 -6.21 19.49
N VAL A 251 -9.54 -4.93 19.86
CA VAL A 251 -10.72 -4.26 20.44
C VAL A 251 -11.55 -3.58 19.35
N ARG A 252 -11.21 -3.88 18.11
CA ARG A 252 -11.90 -3.34 16.93
C ARG A 252 -13.42 -3.43 17.02
N GLU A 253 -13.94 -4.61 17.34
CA GLU A 253 -15.39 -4.83 17.37
C GLU A 253 -16.03 -4.34 18.65
N LYS A 254 -15.35 -4.55 19.77
CA LYS A 254 -15.88 -4.22 21.09
C LYS A 254 -16.37 -2.77 21.22
N TYR A 255 -15.54 -1.82 20.79
CA TYR A 255 -15.80 -0.39 21.00
C TYR A 255 -16.44 0.32 19.80
N ARG A 256 -16.75 -0.42 18.74
CA ARG A 256 -17.37 0.15 17.54
C ARG A 256 -16.49 1.25 16.92
N LEU A 257 -15.38 0.81 16.34
CA LEU A 257 -14.37 1.67 15.73
C LEU A 257 -14.45 1.58 14.22
N GLU A 258 -14.39 0.34 13.71
CA GLU A 258 -14.20 0.08 12.29
C GLU A 258 -15.09 0.94 11.40
N GLU A 259 -16.35 1.09 11.77
CA GLU A 259 -17.26 1.88 10.94
C GLU A 259 -16.89 3.37 10.92
N PRO A 260 -16.86 4.04 12.09
CA PRO A 260 -16.57 5.47 12.05
C PRO A 260 -15.20 5.79 11.47
N ILE A 261 -14.18 5.05 11.87
CA ILE A 261 -12.82 5.31 11.38
C ILE A 261 -12.79 5.17 9.86
N PHE A 262 -13.68 4.35 9.32
CA PHE A 262 -13.81 4.19 7.88
C PHE A 262 -14.54 5.37 7.27
N ALA A 263 -15.35 6.05 8.08
CA ALA A 263 -16.08 7.21 7.60
C ALA A 263 -15.13 8.39 7.41
N ILE A 264 -14.16 8.50 8.32
CA ILE A 264 -13.10 9.49 8.19
C ILE A 264 -12.21 9.12 7.01
N GLU A 265 -11.71 7.90 7.00
CA GLU A 265 -10.83 7.43 5.95
C GLU A 265 -11.47 7.55 4.56
N SER A 266 -12.78 7.33 4.46
CA SER A 266 -13.49 7.39 3.18
C SER A 266 -13.62 8.82 2.69
N PHE A 267 -13.28 9.76 3.57
CA PHE A 267 -13.23 11.19 3.25
C PHE A 267 -11.83 11.58 2.77
N LEU A 268 -10.85 11.37 3.63
CA LEU A 268 -9.48 11.78 3.38
C LEU A 268 -8.73 10.92 2.35
N ALA A 269 -9.02 9.62 2.31
CA ALA A 269 -8.26 8.72 1.44
C ALA A 269 -8.35 9.07 -0.06
N PRO A 270 -9.51 9.58 -0.53
CA PRO A 270 -9.62 10.03 -1.92
C PRO A 270 -8.63 11.15 -2.30
N ILE A 271 -8.46 12.12 -1.41
CA ILE A 271 -7.55 13.25 -1.63
C ILE A 271 -6.13 12.76 -1.87
N PHE A 272 -5.68 11.79 -1.08
CA PHE A 272 -4.35 11.22 -1.25
C PHE A 272 -4.14 10.64 -2.65
N PHE A 273 -5.10 9.87 -3.14
CA PHE A 273 -4.96 9.22 -4.45
C PHE A 273 -5.10 10.21 -5.60
N ALA A 274 -5.88 11.27 -5.37
CA ALA A 274 -6.05 12.31 -6.38
C ALA A 274 -4.78 13.14 -6.51
N MET A 275 -4.30 13.66 -5.39
CA MET A 275 -3.11 14.50 -5.38
C MET A 275 -1.92 13.80 -6.02
N VAL A 276 -1.86 12.48 -5.89
CA VAL A 276 -0.84 11.70 -6.57
C VAL A 276 -1.03 11.77 -8.09
N GLY A 277 -2.29 11.85 -8.51
CA GLY A 277 -2.60 11.97 -9.92
C GLY A 277 -2.39 13.38 -10.42
N VAL A 278 -2.63 14.35 -9.54
CA VAL A 278 -2.44 15.76 -9.87
C VAL A 278 -1.01 16.01 -10.33
N ARG A 279 -0.04 15.36 -9.67
CA ARG A 279 1.37 15.61 -9.94
C ARG A 279 1.83 15.05 -11.28
N LEU A 280 1.00 14.20 -11.88
CA LEU A 280 1.37 13.61 -13.15
C LEU A 280 1.41 14.70 -14.20
N GLU A 281 2.14 14.45 -15.29
CA GLU A 281 2.33 15.46 -16.33
C GLU A 281 1.84 14.99 -17.69
N LEU A 282 1.59 15.96 -18.57
CA LEU A 282 1.20 15.69 -19.95
C LEU A 282 2.38 15.08 -20.70
N SER A 283 3.57 15.57 -20.40
CA SER A 283 4.79 15.03 -20.97
C SER A 283 5.04 13.62 -20.42
N ALA A 284 4.72 13.44 -19.14
CA ALA A 284 4.90 12.16 -18.47
C ALA A 284 4.02 11.08 -19.11
N LEU A 285 2.75 11.39 -19.28
CA LEU A 285 1.82 10.48 -19.94
C LEU A 285 2.19 10.33 -21.41
N ALA A 286 2.12 9.09 -21.92
CA ALA A 286 2.42 8.80 -23.32
C ALA A 286 3.82 9.29 -23.72
N SER A 287 4.82 8.91 -22.93
CA SER A 287 6.22 9.22 -23.23
C SER A 287 6.90 8.01 -23.89
N PRO A 288 7.61 8.23 -25.01
CA PRO A 288 8.13 7.13 -25.84
C PRO A 288 8.94 6.06 -25.11
N VAL A 289 9.86 6.46 -24.24
CA VAL A 289 10.70 5.51 -23.51
C VAL A 289 9.94 4.91 -22.31
N VAL A 290 9.10 5.73 -21.69
CA VAL A 290 8.34 5.33 -20.51
C VAL A 290 7.43 4.15 -20.83
N LEU A 291 6.77 4.22 -21.97
CA LEU A 291 5.81 3.19 -22.37
C LEU A 291 6.49 1.83 -22.44
N VAL A 292 7.61 1.75 -23.14
CA VAL A 292 8.37 0.52 -23.26
C VAL A 292 8.78 0.04 -21.86
N ALA A 293 9.68 0.78 -21.22
CA ALA A 293 10.22 0.38 -19.93
C ALA A 293 9.13 0.25 -18.87
N GLY A 294 8.05 1.01 -19.05
CA GLY A 294 6.93 0.93 -18.14
C GLY A 294 6.20 -0.40 -18.27
N THR A 295 6.05 -0.87 -19.50
CA THR A 295 5.39 -2.14 -19.75
C THR A 295 6.33 -3.28 -19.35
N VAL A 296 7.61 -3.11 -19.64
CA VAL A 296 8.60 -4.15 -19.33
C VAL A 296 8.69 -4.37 -17.82
N VAL A 297 8.93 -3.29 -17.08
CA VAL A 297 9.11 -3.41 -15.63
C VAL A 297 7.84 -3.94 -14.96
N THR A 298 6.71 -3.77 -15.63
CA THR A 298 5.45 -4.31 -15.12
C THR A 298 5.46 -5.84 -15.19
N VAL A 299 5.91 -6.38 -16.33
CA VAL A 299 6.01 -7.82 -16.48
C VAL A 299 7.05 -8.38 -15.52
N ILE A 300 8.11 -7.61 -15.29
CA ILE A 300 9.16 -8.00 -14.35
C ILE A 300 8.57 -8.08 -12.95
N ALA A 301 7.61 -7.21 -12.66
CA ALA A 301 6.95 -7.19 -11.36
C ALA A 301 6.09 -8.44 -11.16
N ILE A 302 5.36 -8.82 -12.21
CA ILE A 302 4.45 -9.96 -12.14
C ILE A 302 5.23 -11.26 -11.96
N LEU A 303 6.18 -11.52 -12.86
CA LEU A 303 6.95 -12.76 -12.83
C LEU A 303 7.70 -12.91 -11.52
N GLY A 304 8.17 -11.79 -10.99
CA GLY A 304 8.83 -11.78 -9.70
C GLY A 304 7.88 -12.25 -8.62
N LYS A 305 6.62 -11.85 -8.75
CA LYS A 305 5.61 -12.22 -7.77
C LYS A 305 5.10 -13.65 -8.00
N VAL A 306 5.11 -14.09 -9.25
CA VAL A 306 4.69 -15.44 -9.57
C VAL A 306 5.59 -16.45 -8.86
N LEU A 307 6.89 -16.38 -9.13
CA LEU A 307 7.85 -17.29 -8.49
C LEU A 307 7.86 -17.08 -6.99
N GLY A 308 7.68 -15.83 -6.57
CA GLY A 308 7.67 -15.51 -5.16
C GLY A 308 6.42 -16.06 -4.48
N GLY A 309 5.30 -16.05 -5.21
CA GLY A 309 4.05 -16.56 -4.71
C GLY A 309 3.86 -18.04 -4.99
N PHE A 310 4.89 -18.68 -5.54
CA PHE A 310 4.86 -20.10 -5.82
C PHE A 310 5.82 -20.83 -4.89
N LEU A 311 7.11 -20.52 -5.02
CA LEU A 311 8.15 -21.12 -4.19
C LEU A 311 7.86 -20.94 -2.70
N GLY A 312 7.22 -19.82 -2.37
CA GLY A 312 6.85 -19.53 -0.99
C GLY A 312 5.56 -20.20 -0.57
N ALA A 313 4.62 -20.31 -1.51
CA ALA A 313 3.31 -20.91 -1.24
C ALA A 313 3.28 -22.38 -1.64
N LEU A 314 4.44 -22.90 -2.07
CA LEU A 314 4.54 -24.26 -2.58
C LEU A 314 4.03 -25.29 -1.60
N THR A 315 3.96 -24.91 -0.32
CA THR A 315 3.63 -25.83 0.75
C THR A 315 2.24 -26.45 0.59
N GLN A 316 1.22 -25.61 0.42
CA GLN A 316 -0.17 -26.07 0.44
C GLN A 316 -0.54 -26.95 -0.75
N GLY A 317 -0.31 -26.45 -1.96
CA GLY A 317 -0.66 -27.21 -3.14
C GLY A 317 -0.36 -26.49 -4.44
N VAL A 318 -0.37 -27.25 -5.53
CA VAL A 318 -0.10 -26.70 -6.85
C VAL A 318 -1.21 -25.73 -7.24
N ARG A 319 -2.45 -26.19 -7.13
CA ARG A 319 -3.61 -25.39 -7.48
C ARG A 319 -3.65 -24.10 -6.67
N SER A 320 -3.21 -24.17 -5.42
CA SER A 320 -3.21 -23.02 -4.53
C SER A 320 -2.03 -22.09 -4.80
N ALA A 321 -0.88 -22.68 -5.14
CA ALA A 321 0.35 -21.92 -5.37
C ALA A 321 0.19 -20.88 -6.47
N LEU A 322 -0.54 -21.25 -7.51
CA LEU A 322 -0.80 -20.36 -8.63
C LEU A 322 -1.72 -19.21 -8.21
N THR A 323 -2.65 -19.52 -7.31
CA THR A 323 -3.60 -18.52 -6.81
C THR A 323 -2.88 -17.43 -6.05
N VAL A 324 -1.80 -17.80 -5.36
CA VAL A 324 -1.00 -16.85 -4.59
C VAL A 324 -0.11 -16.02 -5.50
N GLY A 325 0.47 -16.67 -6.51
CA GLY A 325 1.37 -16.01 -7.44
C GLY A 325 0.71 -14.83 -8.11
N VAL A 326 -0.53 -15.02 -8.56
CA VAL A 326 -1.29 -13.96 -9.22
C VAL A 326 -1.85 -12.98 -8.21
N GLY A 327 -2.21 -13.49 -7.03
CA GLY A 327 -2.88 -12.70 -6.02
C GLY A 327 -2.02 -11.60 -5.45
N MET A 328 -0.71 -11.78 -5.50
CA MET A 328 0.22 -10.81 -4.94
C MET A 328 0.60 -9.76 -5.98
N ALA A 329 -0.01 -9.84 -7.16
CA ALA A 329 0.29 -8.93 -8.27
C ALA A 329 0.00 -7.45 -7.98
N PRO A 330 -1.20 -7.12 -7.46
CA PRO A 330 -1.54 -5.71 -7.30
C PRO A 330 -0.60 -4.94 -6.36
N ARG A 331 -0.35 -3.67 -6.68
CA ARG A 331 0.62 -2.85 -5.93
C ARG A 331 -0.10 -1.75 -5.16
N GLY A 332 -0.80 -0.89 -5.88
CA GLY A 332 -1.71 0.06 -5.26
C GLY A 332 -1.13 1.08 -4.31
N GLU A 333 -1.67 1.10 -3.10
CA GLU A 333 -1.53 2.22 -2.17
C GLU A 333 -0.09 2.56 -1.83
N VAL A 334 0.64 1.58 -1.30
CA VAL A 334 1.97 1.84 -0.76
C VAL A 334 2.94 2.24 -1.86
N GLY A 335 2.81 1.61 -3.03
CA GLY A 335 3.64 1.95 -4.18
C GLY A 335 3.55 3.41 -4.56
N LEU A 336 2.40 4.02 -4.28
CA LEU A 336 2.22 5.46 -4.49
C LEU A 336 2.91 6.22 -3.37
N ILE A 337 2.81 5.71 -2.14
CA ILE A 337 3.44 6.34 -1.00
C ILE A 337 4.96 6.30 -1.19
N VAL A 338 5.42 5.35 -1.99
CA VAL A 338 6.82 5.29 -2.36
C VAL A 338 7.07 6.40 -3.38
N ALA A 339 6.41 6.29 -4.53
CA ALA A 339 6.54 7.29 -5.58
C ALA A 339 6.32 8.70 -5.05
N ALA A 340 5.27 8.88 -4.24
CA ALA A 340 4.95 10.18 -3.68
C ALA A 340 6.08 10.65 -2.78
N LEU A 341 6.66 9.73 -2.02
CA LEU A 341 7.74 10.09 -1.10
C LEU A 341 9.00 10.45 -1.89
N GLY A 342 9.31 9.63 -2.90
CA GLY A 342 10.53 9.78 -3.67
C GLY A 342 10.58 11.08 -4.45
N LEU A 343 9.44 11.51 -5.00
CA LEU A 343 9.36 12.75 -5.79
C LEU A 343 9.59 14.00 -4.93
N LYS A 344 9.02 14.01 -3.73
CA LYS A 344 9.12 15.15 -2.82
C LYS A 344 10.52 15.30 -2.23
N ALA A 345 11.19 14.17 -1.96
CA ALA A 345 12.58 14.19 -1.53
C ALA A 345 13.46 14.69 -2.68
N GLY A 346 13.03 14.44 -3.90
CA GLY A 346 13.74 14.88 -5.09
C GLY A 346 14.63 13.81 -5.69
N ALA A 347 14.39 12.57 -5.29
CA ALA A 347 15.17 11.43 -5.80
C ALA A 347 14.46 10.76 -6.97
N VAL A 348 13.26 11.24 -7.31
CA VAL A 348 12.43 10.66 -8.36
C VAL A 348 12.19 11.67 -9.47
N ASN A 349 12.58 11.30 -10.69
CA ASN A 349 12.35 12.13 -11.86
C ASN A 349 10.91 12.00 -12.38
N GLU A 350 10.45 13.02 -13.08
CA GLU A 350 9.11 13.00 -13.69
C GLU A 350 8.93 11.76 -14.55
N GLU A 351 10.01 11.33 -15.20
CA GLU A 351 9.98 10.15 -16.05
C GLU A 351 9.74 8.91 -15.22
N GLU A 352 10.40 8.83 -14.07
CA GLU A 352 10.27 7.68 -13.18
C GLU A 352 8.87 7.63 -12.58
N TYR A 353 8.36 8.79 -12.18
CA TYR A 353 7.03 8.88 -11.58
C TYR A 353 5.96 8.39 -12.55
N ALA A 354 6.18 8.63 -13.83
CA ALA A 354 5.29 8.13 -14.86
C ALA A 354 5.29 6.62 -14.86
N ILE A 355 6.49 6.05 -14.81
CA ILE A 355 6.66 4.60 -14.89
C ILE A 355 5.99 3.92 -13.72
N VAL A 356 6.20 4.43 -12.51
CA VAL A 356 5.62 3.82 -11.33
C VAL A 356 4.10 3.94 -11.38
N LEU A 357 3.59 5.10 -11.76
CA LEU A 357 2.14 5.27 -11.86
C LEU A 357 1.58 4.54 -13.07
N PHE A 358 2.46 4.14 -13.99
CA PHE A 358 2.04 3.39 -15.17
C PHE A 358 1.79 1.93 -14.82
N MET A 359 2.71 1.34 -14.06
CA MET A 359 2.63 -0.09 -13.76
C MET A 359 1.58 -0.38 -12.70
N VAL A 360 1.50 0.44 -11.65
CA VAL A 360 0.52 0.22 -10.60
C VAL A 360 -0.88 0.21 -11.20
N VAL A 361 -1.09 0.99 -12.25
CA VAL A 361 -2.37 1.02 -12.94
C VAL A 361 -2.61 -0.32 -13.63
N PHE A 362 -1.58 -0.83 -14.28
CA PHE A 362 -1.72 -2.04 -15.07
C PHE A 362 -1.67 -3.31 -14.24
N THR A 363 -1.11 -3.23 -13.03
CA THR A 363 -1.14 -4.38 -12.13
C THR A 363 -2.51 -4.50 -11.49
N THR A 364 -3.07 -3.37 -11.08
CA THR A 364 -4.40 -3.35 -10.50
C THR A 364 -5.43 -3.76 -11.54
N LEU A 365 -5.22 -3.34 -12.79
CA LEU A 365 -6.07 -3.75 -13.90
C LEU A 365 -5.98 -5.26 -14.14
N PHE A 366 -4.83 -5.83 -13.79
CA PHE A 366 -4.56 -7.23 -14.09
C PHE A 366 -5.17 -8.22 -13.09
N ALA A 367 -5.41 -7.76 -11.86
CA ALA A 367 -5.85 -8.66 -10.79
C ALA A 367 -7.21 -9.33 -11.07
N PRO A 368 -8.27 -8.55 -11.31
CA PRO A 368 -9.57 -9.18 -11.56
C PRO A 368 -9.64 -9.94 -12.89
N PHE A 369 -8.90 -9.47 -13.89
CA PHE A 369 -8.87 -10.12 -15.20
C PHE A 369 -8.11 -11.43 -15.19
N ALA A 370 -7.47 -11.74 -14.06
CA ALA A 370 -6.59 -12.91 -13.95
C ALA A 370 -6.96 -13.80 -12.78
N LEU A 371 -6.92 -13.23 -11.58
CA LEU A 371 -7.18 -13.97 -10.35
C LEU A 371 -8.57 -14.60 -10.32
N LYS A 372 -9.54 -13.94 -10.95
CA LYS A 372 -10.95 -14.35 -10.84
C LYS A 372 -11.21 -15.78 -11.35
N PRO A 373 -10.77 -16.09 -12.59
CA PRO A 373 -10.97 -17.47 -13.07
C PRO A 373 -10.12 -18.51 -12.33
N LEU A 374 -8.97 -18.09 -11.80
CA LEU A 374 -8.06 -19.01 -11.13
C LEU A 374 -8.68 -19.52 -9.83
N ILE A 375 -9.30 -18.63 -9.09
CA ILE A 375 -9.97 -19.00 -7.84
C ILE A 375 -11.06 -20.03 -8.14
N ALA A 376 -11.73 -19.87 -9.27
CA ALA A 376 -12.77 -20.81 -9.68
C ALA A 376 -12.16 -22.18 -9.94
N TRP A 377 -11.06 -22.20 -10.69
CA TRP A 377 -10.39 -23.45 -11.05
C TRP A 377 -9.80 -24.15 -9.83
N THR A 378 -9.39 -23.38 -8.83
CA THR A 378 -8.86 -23.95 -7.60
C THR A 378 -10.00 -24.56 -6.78
N GLU A 379 -11.16 -23.93 -6.84
CA GLU A 379 -12.34 -24.43 -6.14
C GLU A 379 -12.86 -25.71 -6.79
N ARG A 380 -12.69 -25.83 -8.11
CA ARG A 380 -13.12 -27.01 -8.85
C ARG A 380 -12.26 -28.23 -8.50
N GLU A 381 -10.94 -28.03 -8.51
CA GLU A 381 -10.00 -29.11 -8.21
C GLU A 381 -10.18 -29.58 -6.77
N ARG A 382 -10.55 -28.65 -5.90
CA ARG A 382 -10.81 -28.97 -4.50
C ARG A 382 -12.19 -29.59 -4.32
N ALA A 383 -13.09 -29.31 -5.26
CA ALA A 383 -14.43 -29.88 -5.21
C ALA A 383 -14.38 -31.39 -5.51
N ALA A 384 -13.38 -31.80 -6.29
CA ALA A 384 -13.14 -33.21 -6.57
C ALA A 384 -12.40 -33.85 -5.40
N LYS A 385 -11.18 -33.39 -5.15
CA LYS A 385 -10.40 -33.81 -3.99
C LYS A 385 -10.65 -32.86 -2.83
N GLU A 386 -11.37 -33.33 -1.82
CA GLU A 386 -11.84 -32.49 -0.72
C GLU A 386 -11.45 -33.09 0.62
#